data_8HSO
#
_entry.id   8HSO
#
_cell.length_a   76.265
_cell.length_b   81.832
_cell.length_c   144.342
_cell.angle_alpha   90.00
_cell.angle_beta   90.00
_cell.angle_gamma   90.00
#
_symmetry.space_group_name_H-M   'C 2 2 21'
#
loop_
_entity.id
_entity.type
_entity.pdbx_description
1 polymer 'Ig-like domain-containing protein'
2 polymer Beta-2-microglobulin
3 polymer PHE-PRO-GLN-SER-ALA-PRO-HIS-GLY-VAL
4 water water
#
loop_
_entity_poly.entity_id
_entity_poly.type
_entity_poly.pdbx_seq_one_letter_code
_entity_poly.pdbx_strand_id
1 'polypeptide(L)'
;GPHSLRYFYTSVSRPGRGEPRFLAVGYVDDTQFVRFDSDAPNPKAEPRAPWVEQEDPEYFHRSTRIFKGAAQIDRGNLQT
LRGYYNQSEDGSHTIQRMFGCDLGPDGRLLRGYNQYAYDGADYIALNEDLTSWTAADMAAQITKRKWEAAGDAEHYRSYL
EGLCVKWLQIYLDKGKETLQRADPPKAHVTHHPVSAREVTLRCWALGFYPADISLTWQRDGEDQTQDMELVETRPAGDGT
FQKWAAVGVPPGEEQRYTCHVQHEGLPEPLTLKWE
;
A
2 'polypeptide(L)'
;EPRTPKIQVYSRHPAENGKPNYLNCYVYGFHPPQIEIDLLKNGQKMKTEQSDLSFSKDWSFYLLVHTDFTPSTVDEYSCR
VNHSSLAAPHMVKWDRNN
;
B
3 'polypeptide(L)' FPQSAPHGV C
#
# COMPACT_ATOMS: atom_id res chain seq x y z
N GLY A 1 0.36 -21.30 -3.77
CA GLY A 1 1.52 -20.44 -4.21
C GLY A 1 2.19 -19.77 -3.02
N PRO A 2 3.03 -18.73 -3.22
CA PRO A 2 3.57 -17.92 -2.12
C PRO A 2 2.60 -16.89 -1.53
N HIS A 3 2.19 -17.05 -0.26
CA HIS A 3 1.30 -16.08 0.44
C HIS A 3 2.03 -15.45 1.63
N SER A 4 1.56 -14.28 2.03
CA SER A 4 2.16 -13.45 3.10
C SER A 4 1.06 -12.97 4.05
N LEU A 5 1.39 -12.89 5.33
CA LEU A 5 0.60 -12.18 6.37
C LEU A 5 1.50 -11.08 6.92
N ARG A 6 1.07 -9.83 6.85
CA ARG A 6 1.88 -8.66 7.31
C ARG A 6 0.98 -7.78 8.15
N TYR A 7 1.50 -7.26 9.26
CA TYR A 7 0.92 -6.11 10.00
C TYR A 7 1.78 -4.86 9.77
N PHE A 8 1.14 -3.70 9.76
CA PHE A 8 1.81 -2.40 9.53
C PHE A 8 1.44 -1.47 10.68
N TYR A 9 2.37 -1.26 11.63
CA TYR A 9 2.15 -0.36 12.78
C TYR A 9 2.74 1.00 12.44
N THR A 10 1.94 2.03 12.67
CA THR A 10 2.39 3.42 12.49
C THR A 10 2.00 4.25 13.72
N SER A 11 2.99 4.77 14.42
CA SER A 11 2.74 5.70 15.55
C SER A 11 3.41 7.04 15.25
N VAL A 12 2.64 8.11 15.40
CA VAL A 12 3.13 9.48 15.10
C VAL A 12 2.97 10.35 16.34
N SER A 13 4.04 10.96 16.79
CA SER A 13 3.96 11.88 17.95
C SER A 13 3.30 13.17 17.47
N ARG A 14 2.49 13.78 18.33
CA ARG A 14 1.81 15.05 18.01
C ARG A 14 2.14 16.06 19.11
N PRO A 15 3.38 16.59 19.14
CA PRO A 15 3.81 17.58 20.13
C PRO A 15 2.79 18.69 20.36
N GLY A 16 2.40 18.89 21.62
CA GLY A 16 1.37 19.89 21.99
C GLY A 16 -0.01 19.27 21.99
N ARG A 17 -0.36 18.57 20.90
CA ARG A 17 -1.64 17.90 20.59
C ARG A 17 -1.80 16.56 21.31
N GLY A 18 -1.43 16.45 22.58
CA GLY A 18 -1.64 15.22 23.34
C GLY A 18 -0.66 14.11 23.01
N GLU A 19 -1.06 12.91 23.38
CA GLU A 19 -0.22 11.69 23.25
C GLU A 19 -0.21 11.21 21.80
N PRO A 20 0.80 10.43 21.39
CA PRO A 20 0.89 9.90 20.04
C PRO A 20 -0.29 9.04 19.61
N ARG A 21 -0.55 9.04 18.31
CA ARG A 21 -1.64 8.24 17.74
C ARG A 21 -1.03 6.97 17.15
N PHE A 22 -1.70 5.85 17.32
CA PHE A 22 -1.22 4.55 16.80
C PHE A 22 -2.23 4.02 15.80
N LEU A 23 -1.74 3.52 14.68
CA LEU A 23 -2.58 2.92 13.62
C LEU A 23 -1.99 1.59 13.21
N ALA A 24 -2.83 0.56 13.13
CA ALA A 24 -2.40 -0.77 12.69
C ALA A 24 -3.34 -1.26 11.59
N VAL A 25 -2.81 -1.95 10.59
CA VAL A 25 -3.60 -2.62 9.52
C VAL A 25 -2.98 -3.97 9.21
N GLY A 26 -3.83 -4.94 8.93
CA GLY A 26 -3.43 -6.32 8.63
C GLY A 26 -3.74 -6.71 7.22
N TYR A 27 -2.77 -7.27 6.52
CA TYR A 27 -3.02 -7.65 5.12
C TYR A 27 -2.69 -9.13 4.88
N VAL A 28 -3.46 -9.74 3.99
CA VAL A 28 -3.06 -11.04 3.41
C VAL A 28 -2.81 -10.71 1.94
N ASP A 29 -1.57 -10.79 1.48
CA ASP A 29 -1.22 -10.40 0.10
C ASP A 29 -1.61 -8.93 -0.09
N ASP A 30 -2.41 -8.63 -1.12
CA ASP A 30 -2.85 -7.24 -1.41
C ASP A 30 -4.26 -6.97 -0.87
N THR A 31 -4.79 -7.81 0.03
CA THR A 31 -6.13 -7.62 0.66
C THR A 31 -5.99 -7.25 2.14
N GLN A 32 -6.49 -6.08 2.50
CA GLN A 32 -6.53 -5.58 3.89
C GLN A 32 -7.71 -6.27 4.58
N PHE A 33 -7.54 -6.70 5.83
CA PHE A 33 -8.61 -7.42 6.55
C PHE A 33 -8.87 -6.86 7.95
N VAL A 34 -7.94 -6.09 8.54
CA VAL A 34 -8.19 -5.38 9.83
C VAL A 34 -7.53 -4.00 9.88
N ARG A 35 -8.04 -3.18 10.82
CA ARG A 35 -7.51 -1.84 11.17
C ARG A 35 -7.71 -1.58 12.66
N PHE A 36 -6.95 -0.63 13.18
CA PHE A 36 -7.05 -0.15 14.57
C PHE A 36 -6.57 1.29 14.58
N ASP A 37 -7.31 2.15 15.27
CA ASP A 37 -6.91 3.56 15.45
C ASP A 37 -7.07 3.89 16.94
N SER A 38 -5.98 4.25 17.63
CA SER A 38 -5.96 4.59 19.07
C SER A 38 -6.87 5.78 19.34
N ASP A 39 -7.17 6.60 18.33
CA ASP A 39 -7.99 7.85 18.42
C ASP A 39 -9.49 7.55 18.36
N ALA A 40 -9.89 6.43 17.77
CA ALA A 40 -11.29 5.96 17.78
C ALA A 40 -11.72 5.83 19.25
N PRO A 41 -12.94 6.25 19.62
CA PRO A 41 -13.38 6.12 21.01
C PRO A 41 -13.69 4.63 21.22
N ASN A 42 -13.53 4.15 22.45
CA ASN A 42 -13.61 2.71 22.80
C ASN A 42 -12.98 1.93 21.66
N PRO A 43 -11.66 2.09 21.47
CA PRO A 43 -10.99 1.64 20.24
C PRO A 43 -10.83 0.12 20.17
N LYS A 44 -11.48 -0.49 19.18
CA LYS A 44 -11.48 -1.96 18.93
C LYS A 44 -10.66 -2.27 17.68
N ALA A 45 -10.57 -3.53 17.31
CA ALA A 45 -9.97 -4.02 16.06
C ALA A 45 -11.10 -4.43 15.12
N GLU A 46 -11.21 -3.77 13.96
CA GLU A 46 -12.39 -3.80 13.04
C GLU A 46 -12.13 -4.66 11.81
N PRO A 47 -13.05 -5.57 11.43
CA PRO A 47 -12.88 -6.38 10.22
C PRO A 47 -12.95 -5.48 8.98
N ARG A 48 -12.17 -5.81 7.94
CA ARG A 48 -12.00 -4.94 6.74
C ARG A 48 -12.05 -5.79 5.46
N ALA A 49 -12.37 -7.05 5.61
CA ALA A 49 -12.68 -8.00 4.52
C ALA A 49 -13.86 -8.85 5.00
N PRO A 50 -14.70 -9.38 4.10
CA PRO A 50 -15.77 -10.30 4.51
C PRO A 50 -15.38 -11.63 5.21
N TRP A 51 -14.21 -12.18 4.94
CA TRP A 51 -13.87 -13.57 5.40
C TRP A 51 -13.34 -13.59 6.85
N VAL A 52 -13.10 -12.43 7.48
CA VAL A 52 -12.68 -12.33 8.92
C VAL A 52 -13.90 -12.15 9.82
N GLU A 53 -14.96 -11.52 9.29
CA GLU A 53 -16.24 -11.23 9.99
C GLU A 53 -16.78 -12.52 10.61
N GLN A 54 -16.47 -13.66 9.98
CA GLN A 54 -16.85 -15.01 10.46
C GLN A 54 -15.74 -15.54 11.39
N GLU A 55 -15.44 -14.83 12.48
CA GLU A 55 -14.59 -15.29 13.61
C GLU A 55 -15.28 -14.92 14.92
N ASP A 56 -15.10 -15.75 15.96
CA ASP A 56 -15.75 -15.54 17.28
C ASP A 56 -15.31 -14.17 17.79
N PRO A 57 -16.08 -13.53 18.69
CA PRO A 57 -15.83 -12.12 19.04
C PRO A 57 -14.51 -12.01 19.82
N GLU A 58 -14.05 -13.11 20.40
CA GLU A 58 -12.76 -13.25 21.13
C GLU A 58 -11.59 -12.99 20.17
N TYR A 59 -11.68 -13.49 18.95
CA TYR A 59 -10.66 -13.24 17.90
C TYR A 59 -10.33 -11.74 17.89
N PHE A 60 -11.38 -10.90 17.87
CA PHE A 60 -11.32 -9.41 17.79
C PHE A 60 -10.93 -8.80 19.13
N HIS A 61 -11.38 -9.38 20.25
CA HIS A 61 -11.01 -8.96 21.62
C HIS A 61 -9.51 -9.12 21.82
N ARG A 62 -8.97 -10.23 21.33
CA ARG A 62 -7.56 -10.59 21.54
C ARG A 62 -6.71 -9.56 20.78
N SER A 63 -7.09 -9.31 19.53
CA SER A 63 -6.44 -8.35 18.60
C SER A 63 -6.48 -6.94 19.20
N THR A 64 -7.68 -6.46 19.55
CA THR A 64 -7.90 -5.24 20.36
C THR A 64 -6.88 -5.19 21.49
N ARG A 65 -6.87 -6.22 22.34
CA ARG A 65 -5.94 -6.28 23.48
C ARG A 65 -4.53 -5.96 22.94
N ILE A 66 -4.13 -6.64 21.86
CA ILE A 66 -2.71 -6.61 21.38
C ILE A 66 -2.36 -5.23 20.81
N PHE A 67 -3.28 -4.57 20.09
CA PHE A 67 -3.05 -3.25 19.45
C PHE A 67 -2.88 -2.19 20.54
N LYS A 68 -3.67 -2.30 21.61
CA LYS A 68 -3.56 -1.37 22.76
C LYS A 68 -2.16 -1.54 23.35
N GLY A 69 -1.72 -2.78 23.55
CA GLY A 69 -0.34 -3.11 23.93
C GLY A 69 0.64 -2.35 23.05
N ALA A 70 0.51 -2.55 21.72
CA ALA A 70 1.36 -1.98 20.65
C ALA A 70 1.33 -0.45 20.72
N ALA A 71 0.15 0.16 20.81
CA ALA A 71 -0.03 1.63 20.96
C ALA A 71 0.82 2.14 22.13
N GLN A 72 0.63 1.58 23.32
CA GLN A 72 1.32 2.02 24.57
C GLN A 72 2.83 1.80 24.47
N ILE A 73 3.29 0.69 23.90
CA ILE A 73 4.75 0.41 23.85
C ILE A 73 5.41 1.50 22.99
N ASP A 74 4.72 1.90 21.91
CA ASP A 74 5.19 2.90 20.91
C ASP A 74 5.27 4.27 21.59
N ARG A 75 4.23 4.64 22.34
CA ARG A 75 4.19 5.92 23.11
C ARG A 75 5.52 6.09 23.84
N GLY A 76 6.09 4.98 24.31
CA GLY A 76 7.35 4.96 25.07
C GLY A 76 8.53 4.99 24.13
N ASN A 77 8.47 4.21 23.04
CA ASN A 77 9.53 4.16 22.01
C ASN A 77 9.79 5.59 21.52
N LEU A 78 8.77 6.25 20.98
CA LEU A 78 8.84 7.65 20.49
C LEU A 78 9.70 8.50 21.45
N GLN A 79 9.40 8.51 22.77
CA GLN A 79 10.13 9.36 23.75
C GLN A 79 11.56 8.83 23.94
N THR A 80 11.79 7.53 24.02
CA THR A 80 13.19 7.00 24.20
C THR A 80 14.01 7.38 22.95
N LEU A 81 13.40 7.41 21.77
CA LEU A 81 14.13 7.69 20.50
C LEU A 81 14.58 9.16 20.44
N ARG A 82 13.69 10.11 20.74
CA ARG A 82 14.07 11.54 20.98
C ARG A 82 15.34 11.55 21.83
N GLY A 83 15.34 10.85 22.96
CA GLY A 83 16.52 10.70 23.83
C GLY A 83 17.71 10.29 22.99
N TYR A 84 17.59 9.14 22.33
CA TYR A 84 18.65 8.41 21.59
C TYR A 84 19.34 9.30 20.55
N TYR A 85 18.53 10.03 19.79
CA TYR A 85 18.97 10.92 18.70
C TYR A 85 19.19 12.33 19.26
N ASN A 86 18.82 12.54 20.52
CA ASN A 86 19.06 13.82 21.22
C ASN A 86 18.24 14.90 20.49
N GLN A 87 17.00 14.57 20.17
CA GLN A 87 16.05 15.48 19.48
C GLN A 87 15.21 16.19 20.54
N SER A 88 14.87 17.46 20.29
CA SER A 88 13.97 18.29 21.12
C SER A 88 12.59 17.62 21.18
N GLU A 89 11.71 18.09 22.07
CA GLU A 89 10.30 17.63 22.21
C GLU A 89 9.41 18.44 21.28
N ASP A 90 9.97 19.08 20.25
CA ASP A 90 9.26 20.13 19.47
C ASP A 90 8.59 19.51 18.23
N GLY A 91 9.32 18.71 17.44
CA GLY A 91 8.86 18.18 16.14
C GLY A 91 8.08 16.88 16.27
N SER A 92 7.13 16.64 15.36
CA SER A 92 6.46 15.32 15.17
C SER A 92 7.50 14.33 14.65
N HIS A 93 7.51 13.10 15.19
CA HIS A 93 8.32 11.97 14.71
C HIS A 93 7.42 10.76 14.48
N THR A 94 7.91 9.74 13.78
CA THR A 94 7.11 8.58 13.29
C THR A 94 7.87 7.29 13.55
N ILE A 95 7.23 6.30 14.16
CA ILE A 95 7.79 4.92 14.23
C ILE A 95 6.87 3.97 13.46
N GLN A 96 7.50 3.14 12.63
CA GLN A 96 6.81 2.16 11.76
C GLN A 96 7.33 0.77 12.09
N ARG A 97 6.41 -0.18 12.09
CA ARG A 97 6.75 -1.60 12.25
C ARG A 97 5.95 -2.38 11.22
N MET A 98 6.69 -3.13 10.44
CA MET A 98 6.18 -4.14 9.52
C MET A 98 6.71 -5.44 10.11
N PHE A 99 5.83 -6.43 10.27
CA PHE A 99 6.15 -7.82 10.69
C PHE A 99 5.12 -8.77 10.09
N GLY A 100 5.52 -10.03 9.93
CA GLY A 100 4.61 -11.15 9.63
C GLY A 100 5.41 -12.35 9.19
N CYS A 101 4.80 -13.19 8.35
CA CYS A 101 5.40 -14.43 7.80
C CYS A 101 5.03 -14.61 6.31
N ASP A 102 5.87 -15.30 5.56
CA ASP A 102 5.58 -15.87 4.22
C ASP A 102 5.54 -17.39 4.32
N LEU A 103 4.64 -18.02 3.58
CA LEU A 103 4.56 -19.50 3.50
C LEU A 103 4.97 -19.90 2.10
N GLY A 104 5.56 -21.08 1.96
CA GLY A 104 5.82 -21.55 0.59
C GLY A 104 4.61 -22.32 0.10
N PRO A 105 4.47 -22.62 -1.22
CA PRO A 105 3.36 -23.41 -1.77
C PRO A 105 2.91 -24.65 -0.95
N ASP A 106 3.85 -25.39 -0.36
CA ASP A 106 3.62 -26.56 0.52
C ASP A 106 3.03 -26.17 1.88
N GLY A 107 2.92 -24.88 2.23
CA GLY A 107 2.21 -24.44 3.44
C GLY A 107 3.06 -24.44 4.68
N ARG A 108 4.38 -24.37 4.51
CA ARG A 108 5.27 -24.26 5.68
C ARG A 108 5.90 -22.86 5.67
N LEU A 109 6.35 -22.39 6.81
CA LEU A 109 7.03 -21.06 6.88
C LEU A 109 8.20 -21.04 5.89
N LEU A 110 8.21 -20.05 5.00
CA LEU A 110 9.33 -19.74 4.10
C LEU A 110 10.24 -18.74 4.81
N ARG A 111 9.66 -17.62 5.21
CA ARG A 111 10.39 -16.44 5.74
C ARG A 111 9.53 -15.77 6.80
N GLY A 112 10.20 -15.10 7.74
CA GLY A 112 9.59 -14.27 8.80
C GLY A 112 10.21 -12.90 8.77
N TYR A 113 9.45 -11.88 9.18
CA TYR A 113 9.83 -10.45 9.08
C TYR A 113 9.54 -9.76 10.42
N ASN A 114 10.42 -8.86 10.83
CA ASN A 114 10.19 -7.98 12.00
C ASN A 114 11.13 -6.78 11.85
N GLN A 115 10.67 -5.73 11.19
CA GLN A 115 11.58 -4.61 10.84
C GLN A 115 10.94 -3.32 11.33
N TYR A 116 11.78 -2.38 11.73
CA TYR A 116 11.38 -1.06 12.26
C TYR A 116 12.11 0.02 11.46
N ALA A 117 11.41 1.15 11.25
CA ALA A 117 11.92 2.43 10.70
C ALA A 117 11.68 3.54 11.72
N TYR A 118 12.55 4.55 11.75
CA TYR A 118 12.31 5.81 12.50
C TYR A 118 12.38 6.99 11.53
N ASP A 119 11.30 7.76 11.45
CA ASP A 119 11.18 8.93 10.54
C ASP A 119 11.40 8.44 9.10
N GLY A 120 10.90 7.26 8.77
CA GLY A 120 10.91 6.72 7.40
C GLY A 120 12.16 5.96 7.02
N ALA A 121 13.12 5.87 7.94
CA ALA A 121 14.42 5.23 7.69
C ALA A 121 14.65 4.02 8.58
N ASP A 122 15.30 3.01 8.00
CA ASP A 122 15.70 1.72 8.64
C ASP A 122 16.23 1.99 10.04
N TYR A 123 15.61 1.39 11.05
CA TYR A 123 16.10 1.50 12.45
C TYR A 123 16.72 0.16 12.84
N ILE A 124 15.88 -0.85 13.12
CA ILE A 124 16.33 -2.21 13.50
C ILE A 124 15.45 -3.23 12.80
N ALA A 125 16.03 -4.38 12.45
CA ALA A 125 15.31 -5.47 11.76
C ALA A 125 15.89 -6.81 12.21
N LEU A 126 14.99 -7.78 12.41
CA LEU A 126 15.33 -9.18 12.73
C LEU A 126 15.84 -9.83 11.45
N ASN A 127 17.09 -10.29 11.51
CA ASN A 127 17.78 -11.08 10.46
C ASN A 127 16.99 -12.36 10.24
N GLU A 128 17.35 -13.12 9.19
CA GLU A 128 16.62 -14.31 8.69
C GLU A 128 16.90 -15.51 9.60
N ASP A 129 18.01 -15.50 10.36
CA ASP A 129 18.37 -16.49 11.41
C ASP A 129 17.31 -16.49 12.53
N LEU A 130 16.56 -15.39 12.64
CA LEU A 130 15.44 -15.13 13.60
C LEU A 130 16.00 -14.95 15.02
N THR A 131 17.29 -14.62 15.14
CA THR A 131 18.04 -14.66 16.43
C THR A 131 18.82 -13.35 16.63
N SER A 132 19.50 -12.81 15.61
CA SER A 132 20.24 -11.52 15.69
C SER A 132 19.52 -10.40 14.93
N TRP A 133 19.86 -9.15 15.23
CA TRP A 133 19.28 -7.92 14.63
C TRP A 133 20.34 -7.17 13.80
N THR A 134 19.92 -6.57 12.69
CA THR A 134 20.65 -5.48 11.97
C THR A 134 20.09 -4.12 12.44
N ALA A 135 20.90 -3.35 13.15
CA ALA A 135 20.66 -1.94 13.54
C ALA A 135 21.24 -1.03 12.45
N ALA A 136 20.57 0.07 12.12
CA ALA A 136 20.92 0.93 10.96
C ALA A 136 22.05 1.88 11.34
N ASP A 137 22.25 2.10 12.63
CA ASP A 137 23.08 3.22 13.17
C ASP A 137 23.33 2.97 14.67
N MET A 138 23.93 3.95 15.34
CA MET A 138 24.43 3.87 16.74
C MET A 138 23.28 3.82 17.76
N ALA A 139 22.17 4.51 17.49
CA ALA A 139 20.95 4.54 18.32
C ALA A 139 20.32 3.13 18.36
N ALA A 140 19.99 2.62 17.18
CA ALA A 140 19.41 1.28 16.98
C ALA A 140 20.37 0.23 17.56
N GLN A 141 21.67 0.50 17.55
CA GLN A 141 22.71 -0.38 18.14
C GLN A 141 22.40 -0.61 19.62
N ILE A 142 21.99 0.44 20.33
CA ILE A 142 21.63 0.34 21.77
C ILE A 142 20.48 -0.65 21.90
N THR A 143 19.49 -0.56 21.00
CA THR A 143 18.31 -1.45 20.99
C THR A 143 18.79 -2.88 20.71
N LYS A 144 19.77 -3.04 19.83
CA LYS A 144 20.30 -4.38 19.46
C LYS A 144 20.87 -5.03 20.72
N ARG A 145 21.65 -4.27 21.48
CA ARG A 145 22.34 -4.74 22.71
C ARG A 145 21.28 -5.16 23.74
N LYS A 146 20.27 -4.30 23.94
CA LYS A 146 19.14 -4.54 24.87
C LYS A 146 18.36 -5.81 24.44
N TRP A 147 17.68 -5.76 23.29
CA TRP A 147 16.84 -6.87 22.77
C TRP A 147 17.62 -8.18 22.66
N GLU A 148 18.92 -8.14 22.38
CA GLU A 148 19.77 -9.37 22.31
C GLU A 148 20.05 -9.87 23.73
N ALA A 149 20.32 -8.96 24.68
CA ALA A 149 20.48 -9.26 26.13
C ALA A 149 19.21 -9.92 26.62
N ALA A 150 18.06 -9.22 26.55
CA ALA A 150 16.74 -9.72 26.99
C ALA A 150 16.33 -11.00 26.25
N GLY A 151 16.80 -11.21 25.03
CA GLY A 151 16.41 -12.38 24.20
C GLY A 151 14.99 -12.23 23.67
N ASP A 152 14.60 -11.01 23.25
CA ASP A 152 13.27 -10.69 22.70
C ASP A 152 13.00 -11.47 21.39
N ALA A 153 14.01 -11.77 20.56
CA ALA A 153 13.76 -12.39 19.23
C ALA A 153 12.98 -13.69 19.43
N GLU A 154 13.41 -14.43 20.45
CA GLU A 154 12.86 -15.74 20.85
C GLU A 154 11.33 -15.64 20.90
N HIS A 155 10.78 -14.54 21.40
CA HIS A 155 9.31 -14.32 21.52
C HIS A 155 8.68 -14.06 20.15
N TYR A 156 9.40 -13.42 19.23
CA TYR A 156 8.89 -13.22 17.85
C TYR A 156 8.89 -14.58 17.12
N ARG A 157 9.96 -15.33 17.27
CA ARG A 157 10.04 -16.73 16.80
C ARG A 157 8.79 -17.48 17.24
N SER A 158 8.54 -17.50 18.54
CA SER A 158 7.41 -18.24 19.16
C SER A 158 6.18 -17.99 18.28
N TYR A 159 5.92 -16.71 18.08
CA TYR A 159 4.76 -16.16 17.35
C TYR A 159 4.83 -16.54 15.87
N LEU A 160 6.00 -16.40 15.25
CA LEU A 160 6.21 -16.76 13.83
C LEU A 160 5.85 -18.23 13.63
N GLU A 161 6.61 -19.11 14.28
CA GLU A 161 6.50 -20.58 14.13
C GLU A 161 5.16 -21.05 14.73
N GLY A 162 4.55 -20.29 15.65
CA GLY A 162 3.21 -20.59 16.17
C GLY A 162 2.09 -19.90 15.39
N LEU A 163 1.56 -18.81 15.95
CA LEU A 163 0.34 -18.08 15.50
C LEU A 163 0.38 -17.65 14.03
N CYS A 164 1.50 -17.09 13.54
CA CYS A 164 1.57 -16.39 12.23
C CYS A 164 1.17 -17.34 11.09
N VAL A 165 1.89 -18.45 10.88
CA VAL A 165 1.60 -19.44 9.80
C VAL A 165 0.18 -19.96 9.96
N LYS A 166 -0.19 -20.24 11.21
CA LYS A 166 -1.46 -20.88 11.63
C LYS A 166 -2.63 -20.06 11.10
N TRP A 167 -2.57 -18.74 11.34
CA TRP A 167 -3.67 -17.78 11.07
C TRP A 167 -3.66 -17.40 9.60
N LEU A 168 -2.52 -17.54 8.94
CA LEU A 168 -2.42 -17.30 7.48
C LEU A 168 -3.19 -18.41 6.76
N GLN A 169 -2.90 -19.67 7.08
CA GLN A 169 -3.61 -20.85 6.51
C GLN A 169 -5.10 -20.71 6.77
N ILE A 170 -5.48 -20.31 7.98
CA ILE A 170 -6.89 -20.06 8.38
C ILE A 170 -7.53 -19.01 7.45
N TYR A 171 -6.85 -17.87 7.20
CA TYR A 171 -7.35 -16.77 6.31
C TYR A 171 -7.40 -17.26 4.86
N LEU A 172 -6.33 -17.87 4.37
CA LEU A 172 -6.26 -18.42 2.98
C LEU A 172 -7.46 -19.34 2.72
N ASP A 173 -7.81 -20.17 3.70
CA ASP A 173 -8.88 -21.19 3.60
C ASP A 173 -10.25 -20.50 3.68
N LYS A 174 -10.42 -19.62 4.67
CA LYS A 174 -11.69 -18.89 4.93
C LYS A 174 -11.97 -17.83 3.84
N GLY A 175 -10.97 -17.46 3.03
CA GLY A 175 -11.12 -16.49 1.92
C GLY A 175 -10.57 -17.03 0.61
N LYS A 176 -10.92 -18.27 0.23
CA LYS A 176 -10.46 -18.94 -1.01
C LYS A 176 -10.94 -18.21 -2.26
N GLU A 177 -12.23 -17.87 -2.34
CA GLU A 177 -12.90 -17.30 -3.55
C GLU A 177 -12.51 -15.83 -3.75
N THR A 178 -11.60 -15.33 -2.90
CA THR A 178 -10.92 -14.01 -3.01
C THR A 178 -9.42 -14.23 -3.18
N LEU A 179 -8.79 -14.89 -2.19
CA LEU A 179 -7.34 -14.85 -1.92
C LEU A 179 -6.59 -15.85 -2.80
N GLN A 180 -7.29 -16.83 -3.36
CA GLN A 180 -6.72 -17.89 -4.24
C GLN A 180 -7.45 -17.96 -5.58
N ARG A 181 -8.65 -17.37 -5.68
CA ARG A 181 -9.33 -17.09 -6.96
C ARG A 181 -8.69 -15.81 -7.54
N ALA A 182 -7.55 -15.96 -8.23
CA ALA A 182 -6.77 -14.84 -8.82
C ALA A 182 -7.51 -14.25 -10.02
N ASP A 183 -7.77 -12.94 -10.00
CA ASP A 183 -8.50 -12.21 -11.05
C ASP A 183 -7.56 -11.94 -12.21
N PRO A 184 -7.91 -12.36 -13.44
CA PRO A 184 -7.16 -11.97 -14.63
C PRO A 184 -7.46 -10.53 -15.05
N PRO A 185 -6.50 -9.80 -15.65
CA PRO A 185 -6.77 -8.49 -16.23
C PRO A 185 -7.68 -8.63 -17.44
N LYS A 186 -8.58 -7.66 -17.66
CA LYS A 186 -9.27 -7.45 -18.95
C LYS A 186 -8.53 -6.32 -19.67
N ALA A 187 -7.90 -6.67 -20.79
CA ALA A 187 -6.88 -5.88 -21.51
C ALA A 187 -7.47 -5.25 -22.77
N HIS A 188 -7.07 -4.01 -23.09
CA HIS A 188 -7.57 -3.28 -24.28
C HIS A 188 -6.63 -2.12 -24.59
N VAL A 189 -6.45 -1.83 -25.89
CA VAL A 189 -5.54 -0.76 -26.38
C VAL A 189 -6.40 0.42 -26.82
N THR A 190 -6.00 1.63 -26.44
CA THR A 190 -6.64 2.89 -26.87
C THR A 190 -5.64 3.71 -27.69
N HIS A 191 -6.16 4.65 -28.48
CA HIS A 191 -5.52 5.33 -29.63
C HIS A 191 -5.67 6.83 -29.45
N HIS A 192 -4.62 7.51 -29.03
CA HIS A 192 -4.67 8.95 -28.68
C HIS A 192 -3.77 9.73 -29.63
N PRO A 193 -4.34 10.24 -30.76
CA PRO A 193 -3.65 11.18 -31.63
C PRO A 193 -2.99 12.31 -30.85
N VAL A 194 -1.73 12.60 -31.13
CA VAL A 194 -0.96 13.73 -30.54
C VAL A 194 -0.63 14.75 -31.65
N SER A 195 -0.14 14.26 -32.80
CA SER A 195 0.35 15.09 -33.92
C SER A 195 0.39 14.22 -35.18
N ALA A 196 0.77 14.81 -36.31
CA ALA A 196 0.96 14.10 -37.59
C ALA A 196 2.02 13.02 -37.40
N ARG A 197 2.95 13.24 -36.46
CA ARG A 197 4.18 12.42 -36.28
C ARG A 197 3.92 11.25 -35.32
N GLU A 198 3.02 11.39 -34.32
CA GLU A 198 2.80 10.30 -33.32
C GLU A 198 1.34 10.15 -32.87
N VAL A 199 0.91 8.90 -32.75
CA VAL A 199 -0.28 8.45 -31.98
C VAL A 199 0.21 7.76 -30.70
N THR A 200 -0.43 8.05 -29.57
CA THR A 200 -0.19 7.28 -28.32
C THR A 200 -1.08 6.02 -28.36
N LEU A 201 -0.42 4.86 -28.36
CA LEU A 201 -1.08 3.54 -28.16
C LEU A 201 -0.94 3.16 -26.69
N ARG A 202 -2.06 2.99 -26.00
CA ARG A 202 -2.08 2.74 -24.54
C ARG A 202 -2.76 1.39 -24.33
N CYS A 203 -1.98 0.48 -23.72
CA CYS A 203 -2.38 -0.87 -23.32
C CYS A 203 -2.85 -0.86 -21.87
N TRP A 204 -4.15 -1.01 -21.66
CA TRP A 204 -4.84 -0.97 -20.34
C TRP A 204 -4.95 -2.38 -19.80
N ALA A 205 -4.64 -2.59 -18.51
CA ALA A 205 -5.01 -3.80 -17.76
C ALA A 205 -5.89 -3.41 -16.57
N LEU A 206 -7.08 -4.03 -16.46
CA LEU A 206 -8.11 -3.66 -15.44
C LEU A 206 -8.68 -4.94 -14.84
N GLY A 207 -9.14 -4.86 -13.60
CA GLY A 207 -9.85 -5.95 -12.90
C GLY A 207 -8.94 -7.10 -12.49
N PHE A 208 -7.62 -6.86 -12.37
CA PHE A 208 -6.65 -7.91 -11.96
C PHE A 208 -6.42 -7.89 -10.43
N TYR A 209 -6.30 -9.09 -9.88
CA TYR A 209 -5.87 -9.36 -8.49
C TYR A 209 -5.10 -10.67 -8.51
N PRO A 210 -3.91 -10.78 -7.88
CA PRO A 210 -3.30 -9.68 -7.11
C PRO A 210 -2.68 -8.57 -7.99
N ALA A 211 -2.09 -7.56 -7.36
CA ALA A 211 -1.51 -6.35 -8.01
C ALA A 211 -0.39 -6.68 -9.01
N ASP A 212 0.39 -7.74 -8.80
CA ASP A 212 1.63 -7.99 -9.57
C ASP A 212 1.24 -8.33 -11.01
N ILE A 213 1.94 -7.76 -11.99
CA ILE A 213 1.65 -7.86 -13.45
C ILE A 213 2.84 -7.32 -14.25
N SER A 214 3.16 -7.92 -15.41
CA SER A 214 4.12 -7.31 -16.38
C SER A 214 3.35 -6.79 -17.59
N LEU A 215 3.40 -5.48 -17.78
CA LEU A 215 2.76 -4.74 -18.89
C LEU A 215 3.87 -4.22 -19.82
N THR A 216 4.02 -4.80 -21.02
CA THR A 216 5.17 -4.50 -21.92
C THR A 216 4.74 -4.35 -23.38
N TRP A 217 5.44 -3.46 -24.10
CA TRP A 217 5.25 -3.18 -25.55
C TRP A 217 6.43 -3.73 -26.37
N GLN A 218 6.15 -4.30 -27.54
CA GLN A 218 7.15 -4.76 -28.56
C GLN A 218 6.78 -4.17 -29.92
N ARG A 219 7.74 -3.49 -30.56
CA ARG A 219 7.71 -3.18 -32.03
C ARG A 219 8.52 -4.24 -32.77
N ASP A 220 7.86 -5.04 -33.62
CA ASP A 220 8.51 -6.07 -34.48
C ASP A 220 9.34 -7.03 -33.61
N GLY A 221 8.71 -7.67 -32.62
CA GLY A 221 9.33 -8.64 -31.70
C GLY A 221 10.27 -8.00 -30.67
N GLU A 222 10.43 -6.67 -30.65
CA GLU A 222 11.56 -5.96 -29.98
C GLU A 222 11.06 -5.06 -28.84
N ASP A 223 11.45 -5.38 -27.60
CA ASP A 223 10.99 -4.77 -26.32
C ASP A 223 11.33 -3.27 -26.25
N GLN A 224 10.32 -2.44 -25.92
CA GLN A 224 10.38 -0.97 -25.89
C GLN A 224 10.43 -0.43 -24.45
N THR A 225 10.81 -1.23 -23.45
CA THR A 225 10.72 -0.86 -22.01
C THR A 225 11.34 0.52 -21.81
N GLN A 226 12.59 0.70 -22.27
CA GLN A 226 13.40 1.94 -22.16
C GLN A 226 12.70 3.13 -22.86
N ASP A 227 11.79 2.87 -23.80
CA ASP A 227 11.13 3.91 -24.65
C ASP A 227 9.64 4.02 -24.37
N MET A 228 9.11 3.49 -23.25
CA MET A 228 7.64 3.48 -23.01
C MET A 228 7.27 4.16 -21.71
N GLU A 229 6.06 4.73 -21.70
CA GLU A 229 5.36 5.40 -20.56
C GLU A 229 4.49 4.35 -19.83
N LEU A 230 4.50 4.37 -18.50
CA LEU A 230 4.08 3.22 -17.63
C LEU A 230 3.73 3.73 -16.23
N VAL A 231 2.45 3.82 -15.87
CA VAL A 231 2.08 4.26 -14.49
C VAL A 231 2.32 3.11 -13.51
N GLU A 232 2.67 3.46 -12.27
CA GLU A 232 2.69 2.55 -11.09
C GLU A 232 1.28 1.96 -10.90
N THR A 233 1.19 0.64 -10.68
CA THR A 233 -0.09 -0.08 -10.48
C THR A 233 -0.92 0.65 -9.43
N ARG A 234 -2.23 0.76 -9.65
CA ARG A 234 -3.12 1.62 -8.84
C ARG A 234 -4.38 0.84 -8.47
N PRO A 235 -4.92 1.08 -7.25
CA PRO A 235 -6.15 0.43 -6.81
C PRO A 235 -7.38 1.00 -7.52
N ALA A 236 -8.21 0.11 -8.09
CA ALA A 236 -9.50 0.46 -8.72
C ALA A 236 -10.49 1.00 -7.67
N GLY A 237 -10.42 0.47 -6.45
CA GLY A 237 -11.33 0.85 -5.35
C GLY A 237 -12.32 -0.25 -5.02
N ASP A 238 -12.26 -1.37 -5.73
CA ASP A 238 -13.21 -2.49 -5.54
C ASP A 238 -12.42 -3.77 -5.23
N GLY A 239 -11.19 -3.62 -4.75
CA GLY A 239 -10.28 -4.74 -4.44
C GLY A 239 -9.45 -5.16 -5.65
N THR A 240 -9.71 -4.63 -6.85
CA THR A 240 -8.87 -4.91 -8.05
C THR A 240 -7.95 -3.71 -8.35
N PHE A 241 -7.05 -3.94 -9.31
CA PHE A 241 -5.86 -3.09 -9.58
C PHE A 241 -5.83 -2.70 -11.07
N GLN A 242 -5.22 -1.56 -11.36
CA GLN A 242 -5.13 -0.99 -12.72
C GLN A 242 -3.67 -0.69 -13.07
N LYS A 243 -3.39 -0.66 -14.38
CA LYS A 243 -2.06 -0.32 -14.95
C LYS A 243 -2.24 -0.05 -16.45
N TRP A 244 -1.53 0.94 -16.97
CA TRP A 244 -1.35 1.09 -18.42
C TRP A 244 0.10 1.44 -18.74
N ALA A 245 0.50 1.02 -19.93
CA ALA A 245 1.78 1.29 -20.63
C ALA A 245 1.43 1.86 -22.01
N ALA A 246 2.03 2.99 -22.35
CA ALA A 246 1.77 3.78 -23.58
C ALA A 246 3.06 3.86 -24.39
N VAL A 247 2.95 4.02 -25.71
CA VAL A 247 4.09 4.22 -26.65
C VAL A 247 3.64 5.22 -27.71
N GLY A 248 4.51 6.19 -28.01
CA GLY A 248 4.32 7.17 -29.10
C GLY A 248 4.89 6.63 -30.39
N VAL A 249 4.03 6.16 -31.30
CA VAL A 249 4.39 5.50 -32.59
C VAL A 249 4.02 6.42 -33.74
N PRO A 250 4.77 6.40 -34.88
CA PRO A 250 4.27 6.98 -36.14
C PRO A 250 2.91 6.44 -36.57
N PRO A 251 1.92 7.33 -36.87
CA PRO A 251 0.64 6.88 -37.42
C PRO A 251 0.83 6.07 -38.72
N GLY A 252 -0.07 5.13 -38.99
CA GLY A 252 0.10 4.07 -40.02
C GLY A 252 0.81 2.83 -39.47
N GLU A 253 1.71 3.02 -38.50
CA GLU A 253 2.70 2.02 -38.01
C GLU A 253 2.15 1.17 -36.85
N GLU A 254 0.89 1.36 -36.45
CA GLU A 254 0.31 0.76 -35.22
C GLU A 254 0.53 -0.76 -35.17
N GLN A 255 0.43 -1.44 -36.30
CA GLN A 255 0.32 -2.92 -36.34
C GLN A 255 1.73 -3.52 -36.22
N ARG A 256 2.75 -2.68 -36.17
CA ARG A 256 4.14 -3.09 -35.85
C ARG A 256 4.23 -3.43 -34.36
N TYR A 257 3.29 -2.93 -33.56
CA TYR A 257 3.35 -2.92 -32.08
C TYR A 257 2.38 -3.93 -31.49
N THR A 258 2.88 -4.82 -30.62
CA THR A 258 2.08 -5.82 -29.87
C THR A 258 2.31 -5.58 -28.38
N CYS A 259 1.23 -5.37 -27.64
CA CYS A 259 1.27 -5.29 -26.15
C CYS A 259 1.10 -6.70 -25.58
N HIS A 260 1.84 -6.97 -24.50
CA HIS A 260 1.94 -8.28 -23.82
C HIS A 260 1.54 -8.12 -22.35
N VAL A 261 0.82 -9.10 -21.78
CA VAL A 261 0.32 -9.07 -20.37
C VAL A 261 0.57 -10.42 -19.69
N GLN A 262 1.34 -10.40 -18.61
CA GLN A 262 1.65 -11.58 -17.78
C GLN A 262 1.05 -11.33 -16.39
N HIS A 263 0.23 -12.28 -15.97
CA HIS A 263 -0.50 -12.28 -14.69
C HIS A 263 -0.77 -13.75 -14.34
N GLU A 264 -0.70 -14.11 -13.06
CA GLU A 264 -0.88 -15.53 -12.66
C GLU A 264 -2.34 -15.89 -12.90
N GLY A 265 -3.21 -14.88 -12.88
CA GLY A 265 -4.64 -14.96 -13.29
C GLY A 265 -4.83 -15.38 -14.73
N LEU A 266 -3.78 -15.37 -15.56
CA LEU A 266 -3.86 -15.74 -17.00
C LEU A 266 -3.34 -17.16 -17.21
N PRO A 267 -4.17 -18.06 -17.79
CA PRO A 267 -3.71 -19.40 -18.16
C PRO A 267 -2.51 -19.31 -19.11
N GLU A 268 -2.62 -18.47 -20.16
CA GLU A 268 -1.57 -18.13 -21.14
C GLU A 268 -1.45 -16.60 -21.24
N PRO A 269 -0.22 -16.04 -21.38
CA PRO A 269 -0.05 -14.61 -21.66
C PRO A 269 -0.86 -14.08 -22.87
N LEU A 270 -1.57 -12.97 -22.67
CA LEU A 270 -2.31 -12.26 -23.76
C LEU A 270 -1.31 -11.45 -24.58
N THR A 271 -1.32 -11.62 -25.89
CA THR A 271 -0.78 -10.65 -26.88
C THR A 271 -1.98 -9.97 -27.54
N LEU A 272 -2.07 -8.64 -27.44
CA LEU A 272 -3.04 -7.83 -28.23
C LEU A 272 -2.35 -6.61 -28.86
N LYS A 273 -3.08 -5.98 -29.78
CA LYS A 273 -2.71 -4.80 -30.59
C LYS A 273 -3.94 -3.89 -30.65
N TRP A 274 -3.77 -2.67 -31.16
CA TRP A 274 -4.84 -1.72 -31.56
C TRP A 274 -5.89 -2.44 -32.43
N GLU A 275 -7.14 -2.46 -31.94
CA GLU A 275 -8.29 -3.29 -32.43
C GLU A 275 -7.95 -4.79 -32.41
N GLU B 1 14.87 15.52 3.74
CA GLU B 1 14.23 14.67 4.76
C GLU B 1 12.94 14.11 4.16
N PRO B 2 11.93 14.94 3.85
CA PRO B 2 10.63 14.42 3.44
C PRO B 2 10.69 13.89 2.01
N ARG B 3 9.94 12.83 1.73
CA ARG B 3 9.76 12.27 0.38
C ARG B 3 8.46 12.81 -0.18
N THR B 4 8.41 12.99 -1.50
CA THR B 4 7.38 13.82 -2.16
C THR B 4 6.43 12.84 -2.83
N PRO B 5 5.10 13.03 -2.65
CA PRO B 5 4.12 12.07 -3.13
C PRO B 5 4.02 12.01 -4.66
N LYS B 6 3.86 10.80 -5.20
CA LYS B 6 3.32 10.58 -6.56
C LYS B 6 1.80 10.59 -6.47
N ILE B 7 1.14 11.12 -7.50
CA ILE B 7 -0.33 11.35 -7.56
C ILE B 7 -0.87 10.87 -8.90
N GLN B 8 -1.83 9.93 -8.91
CA GLN B 8 -2.67 9.70 -10.12
C GLN B 8 -4.13 9.99 -9.79
N VAL B 9 -4.85 10.58 -10.74
CA VAL B 9 -6.28 10.93 -10.63
C VAL B 9 -6.99 10.24 -11.78
N TYR B 10 -7.89 9.32 -11.49
CA TYR B 10 -8.40 8.35 -12.49
C TYR B 10 -9.78 7.85 -12.03
N SER B 11 -10.64 7.46 -12.98
CA SER B 11 -11.96 6.87 -12.66
C SER B 11 -11.79 5.36 -12.55
N ARG B 12 -12.60 4.70 -11.72
CA ARG B 12 -12.62 3.21 -11.58
C ARG B 12 -12.89 2.56 -12.94
N HIS B 13 -13.81 3.09 -13.76
CA HIS B 13 -14.11 2.54 -15.12
C HIS B 13 -13.97 3.62 -16.17
N PRO B 14 -13.85 3.24 -17.47
CA PRO B 14 -13.72 4.23 -18.54
C PRO B 14 -14.99 5.07 -18.51
N ALA B 15 -14.84 6.36 -18.81
CA ALA B 15 -15.79 7.42 -18.43
C ALA B 15 -16.79 7.63 -19.58
N GLU B 16 -18.07 7.64 -19.23
CA GLU B 16 -19.17 7.98 -20.15
C GLU B 16 -19.91 9.17 -19.53
N ASN B 17 -19.78 10.35 -20.14
CA ASN B 17 -20.63 11.52 -19.77
C ASN B 17 -22.05 11.01 -19.55
N GLY B 18 -22.55 11.11 -18.31
CA GLY B 18 -23.90 10.68 -17.90
C GLY B 18 -23.91 9.48 -16.96
N LYS B 19 -22.91 8.59 -17.01
CA LYS B 19 -22.91 7.30 -16.26
C LYS B 19 -22.16 7.46 -14.94
N PRO B 20 -22.83 7.29 -13.78
CA PRO B 20 -22.14 7.33 -12.50
C PRO B 20 -20.94 6.37 -12.49
N ASN B 21 -19.92 6.78 -11.76
CA ASN B 21 -18.59 6.15 -11.74
C ASN B 21 -18.02 6.54 -10.39
N TYR B 22 -16.78 6.15 -10.12
CA TYR B 22 -16.06 6.49 -8.87
C TYR B 22 -14.81 7.26 -9.31
N LEU B 23 -14.53 8.39 -8.66
CA LEU B 23 -13.34 9.22 -8.90
C LEU B 23 -12.34 8.92 -7.79
N ASN B 24 -11.12 8.51 -8.19
CA ASN B 24 -9.99 8.11 -7.29
C ASN B 24 -8.82 9.09 -7.39
N CYS B 25 -8.23 9.39 -6.24
CA CYS B 25 -6.91 10.05 -6.14
C CYS B 25 -5.95 9.15 -5.35
N TYR B 26 -5.10 8.39 -6.03
CA TYR B 26 -4.07 7.51 -5.45
C TYR B 26 -2.76 8.30 -5.25
N VAL B 27 -2.44 8.63 -3.99
CA VAL B 27 -1.18 9.34 -3.61
C VAL B 27 -0.28 8.42 -2.77
N TYR B 28 0.99 8.26 -3.18
CA TYR B 28 1.92 7.20 -2.71
C TYR B 28 3.36 7.72 -2.79
N GLY B 29 4.28 7.06 -2.07
CA GLY B 29 5.71 7.39 -2.01
C GLY B 29 6.02 8.56 -1.07
N PHE B 30 5.09 8.99 -0.22
CA PHE B 30 5.31 10.19 0.61
C PHE B 30 5.75 9.78 2.02
N HIS B 31 6.34 10.77 2.69
CA HIS B 31 6.78 10.73 4.10
C HIS B 31 7.12 12.17 4.44
N PRO B 32 6.74 12.74 5.60
CA PRO B 32 5.95 12.04 6.62
C PRO B 32 4.46 11.89 6.33
N PRO B 33 3.73 11.05 7.10
CA PRO B 33 2.35 10.67 6.78
C PRO B 33 1.32 11.80 6.87
N GLN B 34 1.61 12.88 7.59
CA GLN B 34 0.69 14.06 7.61
C GLN B 34 0.55 14.53 6.14
N ILE B 35 -0.66 14.43 5.56
CA ILE B 35 -0.96 14.87 4.18
C ILE B 35 -2.41 15.34 4.11
N GLU B 36 -2.71 16.33 3.28
CA GLU B 36 -4.08 16.78 2.94
C GLU B 36 -4.36 16.34 1.50
N ILE B 37 -5.39 15.52 1.30
CA ILE B 37 -5.84 15.05 -0.05
C ILE B 37 -7.34 15.33 -0.19
N ASP B 38 -7.73 16.06 -1.22
CA ASP B 38 -9.14 16.44 -1.50
C ASP B 38 -9.43 16.18 -2.97
N LEU B 39 -10.60 15.65 -3.27
CA LEU B 39 -11.12 15.71 -4.66
C LEU B 39 -11.90 17.01 -4.80
N LEU B 40 -11.65 17.73 -5.89
CA LEU B 40 -12.38 18.97 -6.23
C LEU B 40 -13.22 18.73 -7.47
N LYS B 41 -14.48 19.16 -7.43
CA LYS B 41 -15.35 19.41 -8.61
C LYS B 41 -15.38 20.93 -8.83
N ASN B 42 -14.90 21.38 -9.99
CA ASN B 42 -14.66 22.81 -10.34
C ASN B 42 -13.99 23.54 -9.16
N GLY B 43 -12.86 23.01 -8.69
CA GLY B 43 -12.04 23.60 -7.62
C GLY B 43 -12.75 23.65 -6.28
N GLN B 44 -13.84 22.89 -6.12
CA GLN B 44 -14.63 22.81 -4.86
C GLN B 44 -14.52 21.41 -4.24
N LYS B 45 -14.06 21.37 -2.98
CA LYS B 45 -13.89 20.15 -2.16
C LYS B 45 -15.17 19.32 -2.16
N MET B 46 -15.08 18.05 -2.51
CA MET B 46 -16.23 17.10 -2.55
C MET B 46 -16.24 16.33 -1.24
N LYS B 47 -17.34 15.61 -0.94
CA LYS B 47 -17.36 14.60 0.14
C LYS B 47 -16.62 13.39 -0.40
N THR B 48 -15.56 12.95 0.26
CA THR B 48 -14.77 11.78 -0.17
C THR B 48 -14.65 10.81 1.00
N GLU B 49 -14.27 9.59 0.66
CA GLU B 49 -13.74 8.61 1.63
C GLU B 49 -12.25 8.46 1.34
N GLN B 50 -11.47 8.41 2.43
CA GLN B 50 -10.02 8.18 2.47
C GLN B 50 -9.77 6.80 3.06
N SER B 51 -8.80 6.05 2.53
CA SER B 51 -8.47 4.67 2.96
C SER B 51 -7.66 4.70 4.26
N ASP B 52 -7.42 3.52 4.82
CA ASP B 52 -6.62 3.34 6.06
C ASP B 52 -5.16 3.55 5.68
N LEU B 53 -4.45 4.38 6.44
CA LEU B 53 -3.02 4.65 6.18
C LEU B 53 -2.27 3.31 6.23
N SER B 54 -1.45 3.05 5.21
CA SER B 54 -0.44 1.96 5.14
C SER B 54 0.83 2.46 4.48
N PHE B 55 1.89 1.66 4.50
CA PHE B 55 3.20 1.97 3.88
C PHE B 55 3.72 0.74 3.13
N SER B 56 4.73 0.93 2.27
CA SER B 56 5.37 -0.08 1.38
C SER B 56 6.71 -0.50 2.00
N LYS B 57 7.43 -1.43 1.35
CA LYS B 57 8.74 -1.96 1.84
C LYS B 57 9.72 -0.80 2.15
N ASP B 58 9.62 0.33 1.44
CA ASP B 58 10.55 1.47 1.64
C ASP B 58 10.01 2.43 2.71
N TRP B 59 8.88 2.10 3.36
CA TRP B 59 8.34 2.83 4.53
C TRP B 59 7.56 4.06 4.10
N SER B 60 7.39 4.27 2.79
CA SER B 60 6.62 5.44 2.31
C SER B 60 5.14 5.09 2.39
N PHE B 61 4.31 6.08 2.72
CA PHE B 61 2.84 5.93 2.90
C PHE B 61 2.10 6.03 1.57
N TYR B 62 0.91 5.44 1.53
CA TYR B 62 -0.01 5.52 0.37
C TYR B 62 -1.46 5.58 0.90
N LEU B 63 -2.35 6.21 0.13
CA LEU B 63 -3.77 6.51 0.48
C LEU B 63 -4.60 6.57 -0.80
N LEU B 64 -5.71 5.83 -0.87
CA LEU B 64 -6.73 6.00 -1.92
C LEU B 64 -7.83 6.90 -1.35
N VAL B 65 -7.99 8.09 -1.93
CA VAL B 65 -9.11 9.02 -1.61
C VAL B 65 -10.09 8.91 -2.78
N HIS B 66 -11.38 8.75 -2.50
CA HIS B 66 -12.36 8.48 -3.57
C HIS B 66 -13.77 9.00 -3.24
N THR B 67 -14.63 8.95 -4.26
CA THR B 67 -16.03 9.41 -4.22
C THR B 67 -16.76 8.93 -5.47
N ASP B 68 -18.08 8.86 -5.35
CA ASP B 68 -19.03 8.76 -6.48
C ASP B 68 -18.96 10.08 -7.27
N PHE B 69 -19.06 9.98 -8.58
CA PHE B 69 -19.16 11.14 -9.47
C PHE B 69 -19.81 10.66 -10.77
N THR B 70 -20.43 11.58 -11.52
CA THR B 70 -21.01 11.38 -12.86
C THR B 70 -20.33 12.37 -13.81
N PRO B 71 -19.43 11.90 -14.70
CA PRO B 71 -18.68 12.79 -15.58
C PRO B 71 -19.61 13.54 -16.55
N SER B 72 -19.21 14.75 -16.94
CA SER B 72 -19.88 15.58 -17.97
C SER B 72 -18.84 16.39 -18.72
N THR B 73 -19.22 16.89 -19.91
CA THR B 73 -18.46 17.88 -20.72
C THR B 73 -18.30 19.18 -19.91
N VAL B 74 -19.15 19.40 -18.91
CA VAL B 74 -19.32 20.69 -18.21
C VAL B 74 -18.35 20.77 -17.02
N ASP B 75 -18.11 19.64 -16.36
CA ASP B 75 -17.50 19.62 -15.01
C ASP B 75 -16.03 19.25 -15.18
N GLU B 76 -15.17 19.97 -14.45
CA GLU B 76 -13.71 19.74 -14.30
C GLU B 76 -13.49 19.11 -12.91
N TYR B 77 -12.80 17.97 -12.87
CA TYR B 77 -12.45 17.27 -11.61
C TYR B 77 -10.94 17.33 -11.47
N SER B 78 -10.47 17.37 -10.22
CA SER B 78 -9.04 17.52 -9.88
C SER B 78 -8.84 17.03 -8.45
N CYS B 79 -7.59 16.75 -8.09
CA CYS B 79 -7.18 16.29 -6.74
C CYS B 79 -6.15 17.29 -6.18
N ARG B 80 -6.42 17.88 -5.01
CA ARG B 80 -5.51 18.82 -4.29
C ARG B 80 -4.74 18.04 -3.23
N VAL B 81 -3.42 18.27 -3.13
CA VAL B 81 -2.50 17.56 -2.20
C VAL B 81 -1.50 18.54 -1.59
N ASN B 82 -1.59 18.80 -0.28
CA ASN B 82 -0.54 19.50 0.49
C ASN B 82 0.19 18.45 1.33
N HIS B 83 1.51 18.47 1.25
CA HIS B 83 2.44 17.66 2.06
C HIS B 83 3.60 18.60 2.40
N SER B 84 4.33 18.29 3.47
CA SER B 84 5.55 19.02 3.90
C SER B 84 6.57 19.10 2.75
N SER B 85 6.59 18.11 1.86
CA SER B 85 7.58 18.02 0.75
C SER B 85 7.30 19.04 -0.34
N LEU B 86 6.15 19.75 -0.31
CA LEU B 86 5.70 20.65 -1.39
C LEU B 86 5.75 22.10 -0.87
N ALA B 87 6.22 23.02 -1.72
CA ALA B 87 6.19 24.49 -1.51
C ALA B 87 4.76 24.95 -1.27
N ALA B 88 3.80 24.43 -2.04
CA ALA B 88 2.35 24.75 -1.92
C ALA B 88 1.48 23.61 -2.46
N PRO B 89 0.15 23.62 -2.18
CA PRO B 89 -0.73 22.56 -2.65
C PRO B 89 -0.61 22.37 -4.17
N HIS B 90 -0.46 21.12 -4.59
CA HIS B 90 -0.51 20.73 -6.02
C HIS B 90 -1.92 20.23 -6.33
N MET B 91 -2.47 20.63 -7.48
CA MET B 91 -3.77 20.15 -7.97
C MET B 91 -3.55 19.43 -9.28
N VAL B 92 -3.99 18.18 -9.37
CA VAL B 92 -3.80 17.31 -10.57
C VAL B 92 -5.16 17.13 -11.21
N LYS B 93 -5.28 17.55 -12.48
CA LYS B 93 -6.55 17.49 -13.24
C LYS B 93 -6.83 16.00 -13.50
N TRP B 94 -8.09 15.58 -13.41
CA TRP B 94 -8.56 14.29 -13.95
C TRP B 94 -8.64 14.39 -15.48
N ASP B 95 -7.92 13.54 -16.18
CA ASP B 95 -8.09 13.31 -17.64
C ASP B 95 -8.61 11.88 -17.79
N ARG B 96 -9.63 11.67 -18.61
CA ARG B 96 -10.29 10.35 -18.77
C ARG B 96 -9.32 9.32 -19.37
N ASN B 97 -8.26 9.77 -20.07
CA ASN B 97 -7.24 8.89 -20.70
C ASN B 97 -6.19 8.46 -19.67
N ASN B 98 -6.02 9.21 -18.58
CA ASN B 98 -5.15 8.86 -17.43
C ASN B 98 -5.94 8.02 -16.42
N PHE C 1 -2.85 -12.84 12.65
CA PHE C 1 -2.96 -12.65 14.13
C PHE C 1 -1.78 -11.81 14.63
N PRO C 2 -2.02 -10.71 15.37
CA PRO C 2 -0.96 -9.72 15.63
C PRO C 2 -0.08 -10.11 16.82
N GLN C 3 0.94 -9.28 17.09
CA GLN C 3 1.92 -9.46 18.19
C GLN C 3 2.44 -8.06 18.53
N SER C 4 2.52 -7.72 19.82
CA SER C 4 3.30 -6.55 20.29
C SER C 4 4.64 -7.08 20.81
N ALA C 5 5.65 -6.23 20.67
CA ALA C 5 7.02 -6.48 21.13
C ALA C 5 7.02 -6.59 22.66
N PRO C 6 7.72 -7.58 23.25
CA PRO C 6 7.78 -7.72 24.70
C PRO C 6 8.34 -6.42 25.30
N HIS C 7 9.37 -5.86 24.69
CA HIS C 7 10.06 -4.66 25.22
C HIS C 7 10.02 -3.49 24.24
N GLY C 8 10.18 -2.31 24.81
CA GLY C 8 10.41 -1.05 24.08
C GLY C 8 11.83 -0.92 23.59
N VAL C 9 12.11 0.24 23.02
CA VAL C 9 13.25 0.50 22.12
C VAL C 9 14.40 1.06 22.96
#